data_6TOP
#
_entry.id   6TOP
#
_cell.length_a   208.030
_cell.length_b   52.220
_cell.length_c   66.560
_cell.angle_alpha   90.00
_cell.angle_beta   108.38
_cell.angle_gamma   90.00
#
_symmetry.space_group_name_H-M   'C 1 2 1'
#
loop_
_entity.id
_entity.type
_entity.pdbx_description
1 polymer 'OmpA family protein'
2 polymer 'OmpA family protein'
3 non-polymer GLCNAC(BETA1-4)-MURNAC(1,6-ANHYDRO)-L-ALA-GAMMA-D-GLU-MESO-A2PM-D-ALA
4 non-polymer 'SODIUM ION'
5 water water
#
loop_
_entity_poly.entity_id
_entity_poly.type
_entity_poly.pdbx_seq_one_letter_code
_entity_poly.pdbx_strand_id
1 'polypeptide(L)'
;HHHHSSGVDLGTENLYFQSLQNIFYDFDKATLRPESMKSLDELIRILTDNPDIRIELGSHADRKGPDAYNLGLSDRRAKS
VVDYLTSRGIAADRLTWKGYGKSVPKTVTAKIAERHDFLKEGDVLTEEFVAPLTEEQQSVCDQLNRRTEFRVIE
;
A
2 'polypeptide(L)'
;SSGVDLGTENLYFQSLQNIFYDFDKATLRPESMKSLDELIRILTDNPDIRIELGSHADRKGPDAYNLGLSDRRAKSVVDY
LTSRGIAADRLTWKGYGKSVPKTVTAKIAERHDFLKEGDVLTEEFVAPLTEEQQSVCDQLNRRTEFRVIE
;
B,C,D
#
# COMPACT_ATOMS: atom_id res chain seq x y z
N HIS A 1 -18.53 -27.26 1.92
CA HIS A 1 -17.28 -26.55 2.21
C HIS A 1 -17.14 -25.27 1.33
N HIS A 2 -16.24 -25.24 0.31
CA HIS A 2 -16.15 -24.10 -0.58
C HIS A 2 -17.15 -24.36 -1.71
N HIS A 3 -17.95 -23.37 -2.03
CA HIS A 3 -19.01 -23.50 -3.03
C HIS A 3 -18.54 -23.13 -4.43
N HIS A 4 -17.30 -23.47 -4.75
CA HIS A 4 -16.73 -23.18 -6.07
C HIS A 4 -15.45 -23.96 -6.26
N SER A 5 -15.02 -24.12 -7.53
CA SER A 5 -13.75 -24.79 -7.81
C SER A 5 -12.61 -23.91 -7.31
N SER A 6 -11.42 -24.50 -7.10
CA SER A 6 -10.27 -23.74 -6.59
C SER A 6 -9.98 -22.44 -7.35
N GLY A 7 -9.83 -21.36 -6.58
CA GLY A 7 -9.49 -20.05 -7.13
C GLY A 7 -8.00 -19.78 -7.01
N VAL A 8 -7.58 -18.52 -7.21
CA VAL A 8 -6.15 -18.18 -7.12
C VAL A 8 -5.70 -18.02 -5.65
N ASP A 9 -4.56 -18.61 -5.32
CA ASP A 9 -4.00 -18.53 -3.97
C ASP A 9 -3.32 -17.17 -3.79
N LEU A 10 -3.39 -16.64 -2.57
CA LEU A 10 -2.65 -15.43 -2.24
C LEU A 10 -1.24 -15.93 -1.84
N GLY A 11 -0.30 -15.81 -2.77
CA GLY A 11 1.05 -16.31 -2.56
C GLY A 11 2.04 -15.61 -3.48
N THR A 12 3.34 -15.85 -3.26
CA THR A 12 4.37 -15.18 -4.06
C THR A 12 4.91 -16.03 -5.23
N GLU A 13 4.61 -17.34 -5.27
CA GLU A 13 5.17 -18.17 -6.35
C GLU A 13 4.57 -17.92 -7.71
N ASN A 14 3.24 -17.78 -7.79
CA ASN A 14 2.61 -17.68 -9.11
C ASN A 14 2.29 -16.28 -9.54
N LEU A 15 1.98 -15.43 -8.56
CA LEU A 15 1.57 -14.08 -8.80
C LEU A 15 2.38 -13.05 -8.04
N TYR A 16 2.33 -11.79 -8.52
CA TYR A 16 3.00 -10.66 -7.93
C TYR A 16 1.99 -9.76 -7.27
N PHE A 17 2.30 -9.41 -6.03
CA PHE A 17 1.49 -8.48 -5.28
C PHE A 17 2.45 -7.47 -4.69
N GLN A 18 2.09 -6.20 -4.78
CA GLN A 18 2.86 -5.16 -4.10
C GLN A 18 2.81 -5.43 -2.55
N SER A 19 1.68 -5.90 -2.02
CA SER A 19 1.49 -6.05 -0.59
C SER A 19 1.75 -7.45 -0.04
N LEU A 20 2.34 -8.36 -0.83
CA LEU A 20 2.76 -9.67 -0.31
C LEU A 20 4.00 -10.03 -1.14
N GLN A 21 5.17 -9.58 -0.66
CA GLN A 21 6.41 -9.71 -1.39
C GLN A 21 7.26 -10.90 -0.97
N ASN A 22 8.07 -11.41 -1.92
CA ASN A 22 9.15 -12.33 -1.58
C ASN A 22 10.15 -11.59 -0.68
N ILE A 23 10.87 -12.33 0.14
CA ILE A 23 12.00 -11.81 0.91
C ILE A 23 13.22 -12.24 0.12
N PHE A 24 14.13 -11.31 -0.18
CA PHE A 24 15.36 -11.68 -0.90
C PHE A 24 16.55 -11.48 0.06
N TYR A 25 17.62 -12.25 -0.16
CA TYR A 25 18.76 -12.22 0.75
C TYR A 25 20.06 -11.98 0.03
N ASP A 26 21.06 -11.47 0.78
CA ASP A 26 22.41 -11.31 0.29
C ASP A 26 23.05 -12.70 0.12
N PHE A 27 24.11 -12.77 -0.67
CA PHE A 27 24.83 -14.03 -0.87
C PHE A 27 25.38 -14.54 0.46
N ASP A 28 25.09 -15.80 0.75
CA ASP A 28 25.53 -16.50 1.95
C ASP A 28 25.04 -15.87 3.25
N LYS A 29 23.90 -15.14 3.19
CA LYS A 29 23.34 -14.51 4.36
C LYS A 29 21.89 -14.90 4.55
N ALA A 30 21.50 -14.99 5.82
CA ALA A 30 20.11 -15.20 6.22
C ALA A 30 19.51 -13.90 6.89
N THR A 31 20.27 -12.79 6.90
N THR A 31 20.29 -12.80 6.95
CA THR A 31 19.89 -11.51 7.48
CA THR A 31 19.84 -11.56 7.57
C THR A 31 18.68 -10.90 6.77
C THR A 31 18.68 -10.92 6.80
N LEU A 32 17.85 -10.17 7.53
CA LEU A 32 16.74 -9.46 6.96
C LEU A 32 17.20 -8.04 6.60
N ARG A 33 17.25 -7.75 5.30
CA ARG A 33 17.58 -6.41 4.78
C ARG A 33 16.51 -5.41 5.29
N PRO A 34 16.80 -4.10 5.28
CA PRO A 34 15.76 -3.11 5.64
C PRO A 34 14.47 -3.30 4.82
N GLU A 35 14.62 -3.61 3.53
CA GLU A 35 13.47 -3.84 2.64
C GLU A 35 12.64 -5.03 3.08
N SER A 36 13.32 -6.08 3.56
CA SER A 36 12.66 -7.28 4.04
C SER A 36 11.77 -6.96 5.25
N MET A 37 12.23 -6.04 6.13
CA MET A 37 11.46 -5.68 7.31
C MET A 37 10.16 -4.97 6.92
N LYS A 38 10.20 -4.10 5.87
CA LYS A 38 8.96 -3.49 5.37
C LYS A 38 8.02 -4.58 4.83
N SER A 39 8.57 -5.52 4.04
CA SER A 39 7.74 -6.61 3.49
C SER A 39 7.11 -7.45 4.61
N LEU A 40 7.87 -7.74 5.67
CA LEU A 40 7.33 -8.54 6.77
C LEU A 40 6.28 -7.74 7.58
N ASP A 41 6.43 -6.41 7.67
CA ASP A 41 5.42 -5.59 8.33
C ASP A 41 4.08 -5.68 7.55
N GLU A 42 4.14 -5.77 6.21
CA GLU A 42 2.94 -5.93 5.38
C GLU A 42 2.29 -7.30 5.66
N LEU A 43 3.12 -8.33 5.83
CA LEU A 43 2.63 -9.69 6.15
C LEU A 43 1.98 -9.70 7.55
N ILE A 44 2.60 -9.01 8.52
CA ILE A 44 2.04 -8.90 9.87
C ILE A 44 0.66 -8.24 9.81
N ARG A 45 0.46 -7.25 8.92
CA ARG A 45 -0.85 -6.60 8.79
C ARG A 45 -1.89 -7.63 8.31
N ILE A 46 -1.53 -8.47 7.33
CA ILE A 46 -2.47 -9.51 6.86
C ILE A 46 -2.80 -10.49 8.00
N LEU A 47 -1.78 -10.90 8.76
CA LEU A 47 -1.97 -11.84 9.87
C LEU A 47 -2.85 -11.27 10.99
N THR A 48 -2.66 -9.99 11.30
CA THR A 48 -3.42 -9.37 12.38
C THR A 48 -4.85 -9.02 11.95
N ASP A 49 -5.04 -8.67 10.66
CA ASP A 49 -6.37 -8.35 10.14
C ASP A 49 -7.23 -9.62 9.93
N ASN A 50 -6.58 -10.77 9.75
CA ASN A 50 -7.25 -12.06 9.50
C ASN A 50 -6.71 -13.04 10.55
N PRO A 51 -7.24 -12.98 11.77
CA PRO A 51 -6.61 -13.70 12.88
C PRO A 51 -6.56 -15.21 12.80
N ASP A 52 -7.33 -15.84 11.91
CA ASP A 52 -7.33 -17.30 11.84
C ASP A 52 -6.46 -17.88 10.75
N ILE A 53 -6.03 -17.06 9.76
CA ILE A 53 -5.20 -17.61 8.67
C ILE A 53 -3.81 -17.97 9.18
N ARG A 54 -3.13 -18.82 8.40
CA ARG A 54 -1.75 -19.21 8.65
C ARG A 54 -0.92 -18.85 7.41
N ILE A 55 0.40 -18.81 7.60
CA ILE A 55 1.31 -18.56 6.49
C ILE A 55 2.24 -19.74 6.36
N GLU A 56 2.39 -20.25 5.14
CA GLU A 56 3.31 -21.33 4.81
C GLU A 56 4.49 -20.63 4.15
N LEU A 57 5.72 -20.83 4.65
CA LEU A 57 6.88 -20.21 4.00
C LEU A 57 7.86 -21.25 3.50
N GLY A 58 8.49 -20.95 2.37
CA GLY A 58 9.48 -21.84 1.78
C GLY A 58 10.72 -21.03 1.52
N SER A 59 11.85 -21.43 2.09
CA SER A 59 13.10 -20.69 1.95
C SER A 59 14.08 -21.44 1.09
N HIS A 60 14.89 -20.67 0.33
CA HIS A 60 15.72 -21.22 -0.72
C HIS A 60 17.12 -20.65 -0.78
N ALA A 61 17.97 -21.30 -1.59
CA ALA A 61 19.34 -20.87 -1.83
C ALA A 61 19.65 -20.90 -3.33
N ASP A 62 20.63 -20.12 -3.78
CA ASP A 62 21.04 -20.16 -5.17
C ASP A 62 21.96 -21.39 -5.43
N ARG A 63 22.29 -21.63 -6.67
CA ARG A 63 23.06 -22.81 -7.11
C ARG A 63 24.49 -22.94 -6.54
N LYS A 64 25.08 -21.87 -5.98
CA LYS A 64 26.48 -21.95 -5.54
C LYS A 64 26.68 -22.70 -4.23
N GLY A 65 27.66 -23.60 -4.20
CA GLY A 65 27.96 -24.34 -2.98
C GLY A 65 27.26 -25.68 -2.86
N PRO A 66 27.70 -26.48 -1.88
CA PRO A 66 27.14 -27.84 -1.72
C PRO A 66 25.69 -27.91 -1.28
N ASP A 67 25.05 -29.05 -1.56
CA ASP A 67 23.65 -29.27 -1.23
C ASP A 67 23.33 -29.18 0.26
N ALA A 68 24.09 -29.91 1.10
CA ALA A 68 23.85 -29.91 2.55
C ALA A 68 24.03 -28.51 3.14
N TYR A 69 25.08 -27.79 2.72
CA TYR A 69 25.30 -26.43 3.22
C TYR A 69 24.10 -25.52 2.88
N ASN A 70 23.64 -25.59 1.62
CA ASN A 70 22.52 -24.77 1.17
C ASN A 70 21.20 -25.10 1.89
N LEU A 71 21.02 -26.37 2.35
CA LEU A 71 19.83 -26.73 3.12
C LEU A 71 19.83 -25.98 4.44
N GLY A 72 20.97 -26.01 5.14
CA GLY A 72 21.12 -25.28 6.40
C GLY A 72 20.93 -23.78 6.22
N LEU A 73 21.49 -23.21 5.15
CA LEU A 73 21.32 -21.77 4.87
C LEU A 73 19.84 -21.44 4.64
N SER A 74 19.14 -22.28 3.86
CA SER A 74 17.72 -22.06 3.63
C SER A 74 16.90 -22.15 4.94
N ASP A 75 17.29 -23.05 5.87
CA ASP A 75 16.62 -23.15 7.17
C ASP A 75 16.85 -21.84 7.97
N ARG A 76 18.09 -21.29 7.92
CA ARG A 76 18.38 -20.04 8.61
C ARG A 76 17.58 -18.86 8.00
N ARG A 77 17.36 -18.89 6.69
CA ARG A 77 16.56 -17.88 6.01
C ARG A 77 15.10 -17.94 6.47
N ALA A 78 14.56 -19.16 6.64
CA ALA A 78 13.19 -19.31 7.13
C ALA A 78 13.12 -18.86 8.58
N LYS A 79 14.10 -19.27 9.40
CA LYS A 79 14.12 -18.91 10.80
C LYS A 79 14.19 -17.42 11.03
N SER A 80 14.95 -16.66 10.20
N SER A 80 14.94 -16.68 10.20
CA SER A 80 15.04 -15.21 10.40
CA SER A 80 15.04 -15.22 10.35
C SER A 80 13.66 -14.56 10.19
C SER A 80 13.66 -14.57 10.18
N VAL A 81 12.87 -15.08 9.23
CA VAL A 81 11.53 -14.59 8.96
C VAL A 81 10.61 -14.95 10.14
N VAL A 82 10.63 -16.21 10.57
CA VAL A 82 9.80 -16.65 11.70
C VAL A 82 10.11 -15.83 12.97
N ASP A 83 11.40 -15.63 13.26
CA ASP A 83 11.79 -14.87 14.45
C ASP A 83 11.33 -13.42 14.38
N TYR A 84 11.37 -12.79 13.19
CA TYR A 84 10.90 -11.41 13.05
C TYR A 84 9.39 -11.36 13.34
N LEU A 85 8.63 -12.30 12.75
CA LEU A 85 7.18 -12.32 12.96
C LEU A 85 6.79 -12.60 14.41
N THR A 86 7.41 -13.61 15.04
CA THR A 86 7.09 -13.91 16.44
C THR A 86 7.54 -12.78 17.36
N SER A 87 8.64 -12.07 17.02
CA SER A 87 9.07 -10.92 17.84
C SER A 87 8.06 -9.76 17.80
N ARG A 88 7.22 -9.71 16.75
CA ARG A 88 6.17 -8.73 16.58
C ARG A 88 4.80 -9.20 17.10
N GLY A 89 4.75 -10.32 17.82
CA GLY A 89 3.51 -10.82 18.41
C GLY A 89 2.77 -11.91 17.67
N ILE A 90 3.25 -12.32 16.49
CA ILE A 90 2.58 -13.39 15.74
C ILE A 90 2.79 -14.72 16.45
N ALA A 91 1.71 -15.47 16.69
CA ALA A 91 1.81 -16.76 17.37
C ALA A 91 2.59 -17.74 16.47
N ALA A 92 3.59 -18.44 17.02
CA ALA A 92 4.43 -19.38 16.25
C ALA A 92 3.59 -20.47 15.56
N ASP A 93 2.48 -20.87 16.20
CA ASP A 93 1.62 -21.92 15.62
C ASP A 93 0.92 -21.48 14.33
N ARG A 94 0.98 -20.20 13.97
CA ARG A 94 0.38 -19.72 12.72
C ARG A 94 1.34 -19.80 11.53
N LEU A 95 2.57 -20.27 11.74
CA LEU A 95 3.56 -20.30 10.68
C LEU A 95 4.06 -21.70 10.48
N THR A 96 4.22 -22.10 9.22
CA THR A 96 4.86 -23.38 8.89
C THR A 96 5.98 -23.03 7.92
N TRP A 97 7.10 -23.72 8.02
CA TRP A 97 8.22 -23.41 7.12
C TRP A 97 8.90 -24.66 6.63
N LYS A 98 9.60 -24.53 5.52
CA LYS A 98 10.43 -25.58 4.95
C LYS A 98 11.63 -24.93 4.25
N GLY A 99 12.80 -25.51 4.47
CA GLY A 99 14.03 -25.09 3.81
C GLY A 99 14.29 -26.04 2.67
N TYR A 100 14.30 -25.52 1.46
CA TYR A 100 14.47 -26.34 0.27
C TYR A 100 15.91 -26.38 -0.25
N GLY A 101 16.84 -25.69 0.40
CA GLY A 101 18.22 -25.61 -0.10
C GLY A 101 18.22 -25.03 -1.50
N LYS A 102 18.97 -25.64 -2.43
CA LYS A 102 18.95 -25.18 -3.82
C LYS A 102 18.12 -26.12 -4.71
N SER A 103 17.21 -26.92 -4.12
CA SER A 103 16.44 -27.94 -4.86
C SER A 103 15.26 -27.42 -5.67
N VAL A 104 14.84 -26.16 -5.42
CA VAL A 104 13.69 -25.60 -6.11
C VAL A 104 14.03 -24.22 -6.69
N PRO A 105 14.63 -24.18 -7.88
CA PRO A 105 14.85 -22.89 -8.53
C PRO A 105 13.53 -22.17 -8.81
N LYS A 106 13.56 -20.85 -8.76
CA LYS A 106 12.36 -20.04 -8.91
C LYS A 106 11.87 -19.99 -10.36
N THR A 107 10.54 -19.93 -10.51
CA THR A 107 9.94 -19.77 -11.83
C THR A 107 9.72 -18.25 -12.02
N VAL A 108 10.13 -17.74 -13.20
CA VAL A 108 9.96 -16.33 -13.53
C VAL A 108 8.48 -15.99 -13.69
N THR A 109 8.02 -15.00 -12.91
CA THR A 109 6.64 -14.54 -12.97
C THR A 109 6.54 -13.45 -14.07
N ALA A 110 5.32 -13.02 -14.42
CA ALA A 110 5.15 -11.96 -15.41
C ALA A 110 5.84 -10.66 -14.94
N LYS A 111 5.79 -10.35 -13.64
CA LYS A 111 6.44 -9.13 -13.14
C LYS A 111 7.96 -9.21 -13.27
N ILE A 112 8.56 -10.36 -12.93
CA ILE A 112 10.02 -10.52 -13.08
C ILE A 112 10.40 -10.41 -14.55
N ALA A 113 9.60 -11.03 -15.43
CA ALA A 113 9.85 -10.98 -16.88
C ALA A 113 9.75 -9.56 -17.43
N GLU A 114 8.83 -8.76 -16.90
CA GLU A 114 8.70 -7.36 -17.34
C GLU A 114 9.98 -6.56 -17.03
N ARG A 115 10.62 -6.88 -15.91
CA ARG A 115 11.78 -6.16 -15.42
C ARG A 115 13.10 -6.56 -16.06
N HIS A 116 13.15 -7.71 -16.71
CA HIS A 116 14.40 -8.21 -17.31
C HIS A 116 14.16 -8.70 -18.71
N ASP A 117 14.79 -8.05 -19.70
CA ASP A 117 14.61 -8.43 -21.10
C ASP A 117 15.06 -9.86 -21.40
N PHE A 118 16.01 -10.39 -20.62
CA PHE A 118 16.54 -11.72 -20.87
C PHE A 118 15.72 -12.86 -20.25
N LEU A 119 14.72 -12.53 -19.41
CA LEU A 119 13.89 -13.53 -18.74
C LEU A 119 12.47 -13.49 -19.30
N LYS A 120 11.88 -14.66 -19.48
CA LYS A 120 10.52 -14.79 -19.97
C LYS A 120 9.68 -15.50 -18.90
N GLU A 121 8.39 -15.17 -18.82
CA GLU A 121 7.47 -15.80 -17.86
C GLU A 121 7.48 -17.33 -18.07
N GLY A 122 7.62 -18.07 -16.98
CA GLY A 122 7.67 -19.53 -17.07
C GLY A 122 9.08 -20.10 -17.08
N ASP A 123 10.11 -19.27 -17.34
CA ASP A 123 11.50 -19.74 -17.29
C ASP A 123 11.82 -20.21 -15.86
N VAL A 124 12.46 -21.36 -15.71
CA VAL A 124 12.85 -21.82 -14.39
C VAL A 124 14.35 -21.58 -14.28
N LEU A 125 14.77 -20.89 -13.21
CA LEU A 125 16.17 -20.50 -12.99
C LEU A 125 17.06 -21.64 -12.51
N THR A 126 17.08 -22.76 -13.26
CA THR A 126 17.87 -23.92 -12.92
C THR A 126 19.36 -23.63 -13.12
N GLU A 127 20.25 -24.50 -12.59
CA GLU A 127 21.69 -24.36 -12.78
C GLU A 127 22.03 -24.38 -14.28
N GLU A 128 21.35 -25.25 -15.05
CA GLU A 128 21.56 -25.38 -16.50
C GLU A 128 21.10 -24.13 -17.25
N PHE A 129 20.04 -23.46 -16.76
CA PHE A 129 19.56 -22.23 -17.38
C PHE A 129 20.54 -21.07 -17.10
N VAL A 130 21.05 -21.00 -15.86
CA VAL A 130 21.90 -19.88 -15.43
C VAL A 130 23.34 -19.99 -15.91
N ALA A 131 23.89 -21.21 -15.95
CA ALA A 131 25.28 -21.48 -16.35
C ALA A 131 25.80 -20.72 -17.58
N PRO A 132 25.10 -20.68 -18.74
CA PRO A 132 25.69 -20.00 -19.92
C PRO A 132 25.53 -18.50 -19.98
N LEU A 133 24.85 -17.90 -18.99
CA LEU A 133 24.58 -16.47 -19.01
C LEU A 133 25.78 -15.58 -18.64
N THR A 134 25.67 -14.25 -18.87
CA THR A 134 26.76 -13.35 -18.52
C THR A 134 26.88 -13.30 -16.98
N GLU A 135 28.00 -12.75 -16.45
CA GLU A 135 28.15 -12.59 -15.01
C GLU A 135 26.99 -11.73 -14.43
N GLU A 136 26.60 -10.65 -15.12
CA GLU A 136 25.48 -9.80 -14.66
C GLU A 136 24.15 -10.57 -14.66
N GLN A 137 23.87 -11.32 -15.72
CA GLN A 137 22.62 -12.10 -15.79
C GLN A 137 22.61 -13.18 -14.71
N GLN A 138 23.77 -13.84 -14.48
CA GLN A 138 23.87 -14.85 -13.42
C GLN A 138 23.60 -14.23 -12.06
N SER A 139 24.11 -13.01 -11.82
CA SER A 139 23.90 -12.33 -10.54
C SER A 139 22.40 -12.04 -10.34
N VAL A 140 21.67 -11.66 -11.40
CA VAL A 140 20.23 -11.38 -11.30
C VAL A 140 19.51 -12.70 -10.94
N CYS A 141 19.81 -13.77 -11.69
CA CYS A 141 19.15 -15.05 -11.44
C CYS A 141 19.44 -15.62 -10.06
N ASP A 142 20.72 -15.58 -9.65
CA ASP A 142 21.10 -16.12 -8.34
C ASP A 142 20.40 -15.32 -7.24
N GLN A 143 20.31 -13.99 -7.40
CA GLN A 143 19.57 -13.19 -6.43
C GLN A 143 18.10 -13.64 -6.34
N LEU A 144 17.45 -13.86 -7.49
CA LEU A 144 16.05 -14.29 -7.50
C LEU A 144 15.84 -15.62 -6.81
N ASN A 145 16.87 -16.52 -6.85
CA ASN A 145 16.78 -17.81 -6.18
C ASN A 145 17.00 -17.71 -4.65
N ARG A 146 17.69 -16.64 -4.18
CA ARG A 146 17.94 -16.45 -2.75
C ARG A 146 16.71 -15.77 -2.17
N ARG A 147 15.65 -16.55 -1.97
CA ARG A 147 14.39 -15.97 -1.51
C ARG A 147 13.59 -16.85 -0.57
N THR A 148 12.63 -16.20 0.09
CA THR A 148 11.60 -16.89 0.84
C THR A 148 10.28 -16.57 0.13
N GLU A 149 9.51 -17.64 -0.12
CA GLU A 149 8.18 -17.59 -0.72
C GLU A 149 7.14 -17.71 0.39
N PHE A 150 5.96 -17.16 0.16
CA PHE A 150 4.85 -17.23 1.11
C PHE A 150 3.59 -17.71 0.42
N ARG A 151 2.69 -18.31 1.21
CA ARG A 151 1.35 -18.64 0.72
C ARG A 151 0.43 -18.56 1.91
N VAL A 152 -0.71 -17.88 1.74
CA VAL A 152 -1.70 -17.74 2.82
C VAL A 152 -2.60 -18.97 2.80
N ILE A 153 -2.69 -19.69 3.93
CA ILE A 153 -3.49 -20.91 4.00
C ILE A 153 -4.39 -20.92 5.25
N GLU A 154 -5.33 -21.90 5.32
CA GLU A 154 -6.16 -22.09 6.51
C GLU A 154 -5.33 -22.97 7.47
N SER B 1 -3.62 -25.24 -6.63
CA SER B 1 -4.05 -24.22 -5.67
C SER B 1 -4.72 -24.81 -4.43
N SER B 2 -4.10 -24.62 -3.26
CA SER B 2 -4.64 -25.18 -2.01
C SER B 2 -4.64 -24.19 -0.83
N GLY B 3 -4.92 -22.92 -1.12
CA GLY B 3 -4.93 -21.86 -0.12
C GLY B 3 -6.31 -21.22 0.05
N VAL B 4 -6.38 -20.18 0.91
CA VAL B 4 -7.58 -19.39 1.24
C VAL B 4 -8.04 -18.62 -0.02
N ASP B 5 -9.33 -18.20 -0.13
CA ASP B 5 -9.76 -17.44 -1.31
C ASP B 5 -9.16 -16.05 -1.28
N LEU B 6 -8.62 -15.57 -2.41
CA LEU B 6 -8.14 -14.17 -2.44
C LEU B 6 -9.37 -13.43 -2.87
N GLY B 7 -10.15 -13.02 -1.89
CA GLY B 7 -11.39 -12.34 -2.13
C GLY B 7 -11.74 -11.42 -0.97
N THR B 8 -12.81 -10.69 -1.11
CA THR B 8 -13.25 -9.74 -0.09
C THR B 8 -14.30 -10.33 0.86
N GLU B 9 -14.93 -11.47 0.51
CA GLU B 9 -15.98 -12.01 1.38
C GLU B 9 -15.41 -12.56 2.68
N ASN B 10 -14.23 -13.14 2.62
CA ASN B 10 -13.59 -13.86 3.71
C ASN B 10 -12.28 -13.26 4.20
N LEU B 11 -11.66 -12.41 3.41
CA LEU B 11 -10.32 -11.90 3.73
C LEU B 11 -10.35 -10.40 3.69
N TYR B 12 -9.53 -9.75 4.55
CA TYR B 12 -9.34 -8.29 4.52
C TYR B 12 -7.87 -8.08 4.07
N PHE B 13 -7.65 -7.64 2.79
CA PHE B 13 -6.32 -7.49 2.17
C PHE B 13 -6.24 -6.10 1.55
N GLN B 14 -5.23 -5.31 1.93
CA GLN B 14 -5.15 -3.89 1.56
C GLN B 14 -5.37 -3.57 0.11
N SER B 15 -4.85 -4.43 -0.78
CA SER B 15 -4.95 -4.22 -2.22
C SER B 15 -6.20 -4.69 -2.86
N LEU B 16 -7.11 -5.34 -2.08
CA LEU B 16 -8.34 -5.89 -2.65
C LEU B 16 -9.46 -5.57 -1.71
N GLN B 17 -10.05 -4.37 -1.89
CA GLN B 17 -11.09 -3.85 -1.02
C GLN B 17 -12.46 -4.00 -1.61
N ASN B 18 -13.48 -4.10 -0.75
CA ASN B 18 -14.86 -4.01 -1.23
C ASN B 18 -15.09 -2.59 -1.77
N ILE B 19 -16.03 -2.48 -2.71
CA ILE B 19 -16.51 -1.19 -3.21
C ILE B 19 -17.81 -0.96 -2.48
N PHE B 20 -17.98 0.20 -1.84
CA PHE B 20 -19.24 0.53 -1.15
C PHE B 20 -19.94 1.67 -1.90
N TYR B 21 -21.28 1.71 -1.82
CA TYR B 21 -22.04 2.69 -2.58
C TYR B 21 -22.96 3.51 -1.71
N ASP B 22 -23.32 4.69 -2.23
CA ASP B 22 -24.31 5.57 -1.60
C ASP B 22 -25.68 4.91 -1.74
N PHE B 23 -26.64 5.34 -0.91
CA PHE B 23 -28.00 4.82 -0.98
C PHE B 23 -28.61 5.15 -2.34
N ASP B 24 -29.16 4.13 -2.99
CA ASP B 24 -29.81 4.23 -4.29
C ASP B 24 -28.89 4.72 -5.40
N LYS B 25 -27.58 4.49 -5.26
CA LYS B 25 -26.63 4.91 -6.27
C LYS B 25 -25.75 3.75 -6.69
N ALA B 26 -25.36 3.77 -7.95
CA ALA B 26 -24.39 2.82 -8.51
C ALA B 26 -23.06 3.55 -8.86
N THR B 27 -22.93 4.84 -8.53
CA THR B 27 -21.75 5.63 -8.81
C THR B 27 -20.56 5.19 -8.01
N LEU B 28 -19.38 5.46 -8.53
CA LEU B 28 -18.12 5.13 -7.89
C LEU B 28 -17.64 6.34 -7.10
N ARG B 29 -17.65 6.22 -5.78
CA ARG B 29 -17.12 7.28 -4.88
C ARG B 29 -15.62 7.51 -5.17
N PRO B 30 -15.04 8.64 -4.72
CA PRO B 30 -13.58 8.82 -4.84
C PRO B 30 -12.79 7.65 -4.23
N GLU B 31 -13.26 7.13 -3.08
CA GLU B 31 -12.60 6.01 -2.42
C GLU B 31 -12.64 4.74 -3.29
N SER B 32 -13.76 4.56 -3.98
CA SER B 32 -13.93 3.39 -4.85
C SER B 32 -12.91 3.43 -5.99
N MET B 33 -12.63 4.62 -6.53
CA MET B 33 -11.68 4.76 -7.62
C MET B 33 -10.29 4.38 -7.18
N LYS B 34 -9.89 4.77 -5.95
CA LYS B 34 -8.59 4.34 -5.43
C LYS B 34 -8.57 2.79 -5.30
N SER B 35 -9.64 2.19 -4.74
CA SER B 35 -9.69 0.73 -4.60
C SER B 35 -9.60 0.05 -5.98
N LEU B 36 -10.29 0.59 -6.99
CA LEU B 36 -10.25 -0.01 -8.33
C LEU B 36 -8.88 0.19 -9.00
N ASP B 37 -8.18 1.29 -8.70
CA ASP B 37 -6.83 1.48 -9.22
C ASP B 37 -5.89 0.41 -8.66
N GLU B 38 -6.10 0.02 -7.38
CA GLU B 38 -5.28 -1.03 -6.78
C GLU B 38 -5.60 -2.40 -7.41
N LEU B 39 -6.87 -2.63 -7.76
CA LEU B 39 -7.30 -3.85 -8.43
C LEU B 39 -6.69 -3.89 -9.84
N ILE B 40 -6.68 -2.74 -10.55
CA ILE B 40 -6.07 -2.65 -11.88
C ILE B 40 -4.60 -3.03 -11.81
N ARG B 41 -3.89 -2.62 -10.74
CA ARG B 41 -2.48 -2.96 -10.58
C ARG B 41 -2.30 -4.48 -10.47
N ILE B 42 -3.18 -5.15 -9.69
CA ILE B 42 -3.12 -6.62 -9.60
C ILE B 42 -3.36 -7.25 -10.98
N LEU B 43 -4.35 -6.74 -11.73
CA LEU B 43 -4.69 -7.29 -13.04
C LEU B 43 -3.56 -7.08 -14.07
N THR B 44 -2.88 -5.92 -14.02
CA THR B 44 -1.82 -5.63 -14.97
C THR B 44 -0.52 -6.34 -14.61
N ASP B 45 -0.26 -6.55 -13.30
CA ASP B 45 0.94 -7.25 -12.86
C ASP B 45 0.83 -8.77 -13.08
N ASN B 46 -0.42 -9.29 -13.13
CA ASN B 46 -0.71 -10.73 -13.29
C ASN B 46 -1.65 -10.84 -14.50
N PRO B 47 -1.10 -10.78 -15.72
CA PRO B 47 -1.96 -10.64 -16.90
C PRO B 47 -2.92 -11.77 -17.22
N ASP B 48 -2.78 -12.93 -16.59
CA ASP B 48 -3.65 -14.06 -16.91
C ASP B 48 -4.79 -14.28 -15.92
N ILE B 49 -4.74 -13.65 -14.73
CA ILE B 49 -5.82 -13.84 -13.76
C ILE B 49 -7.11 -13.13 -14.19
N ARG B 50 -8.23 -13.56 -13.63
CA ARG B 50 -9.52 -12.94 -13.87
C ARG B 50 -10.12 -12.53 -12.52
N ILE B 51 -11.14 -11.69 -12.55
CA ILE B 51 -11.81 -11.24 -11.34
C ILE B 51 -13.29 -11.60 -11.44
N GLU B 52 -13.83 -12.16 -10.35
CA GLU B 52 -15.25 -12.46 -10.25
C GLU B 52 -15.83 -11.35 -9.33
N LEU B 53 -16.87 -10.65 -9.79
CA LEU B 53 -17.53 -9.57 -9.05
C LEU B 53 -18.92 -10.04 -8.65
N GLY B 54 -19.35 -9.62 -7.48
CA GLY B 54 -20.73 -9.85 -7.04
C GLY B 54 -21.24 -8.55 -6.44
N SER B 55 -22.31 -7.97 -7.00
CA SER B 55 -22.81 -6.67 -6.51
C SER B 55 -24.16 -6.82 -5.80
N HIS B 56 -24.37 -5.97 -4.80
CA HIS B 56 -25.50 -6.13 -3.90
C HIS B 56 -26.25 -4.84 -3.58
N ALA B 57 -27.38 -5.00 -2.88
CA ALA B 57 -28.20 -3.91 -2.41
C ALA B 57 -28.60 -4.13 -0.96
N ASP B 58 -28.90 -3.06 -0.23
CA ASP B 58 -29.38 -3.20 1.15
C ASP B 58 -30.91 -3.54 1.15
N ARG B 59 -31.47 -3.82 2.32
CA ARG B 59 -32.87 -4.26 2.50
C ARG B 59 -33.98 -3.31 2.02
N LYS B 60 -33.67 -2.02 1.85
CA LYS B 60 -34.73 -1.05 1.52
C LYS B 60 -35.22 -1.10 0.09
N GLY B 61 -36.54 -0.96 -0.09
CA GLY B 61 -37.12 -0.94 -1.42
C GLY B 61 -37.49 -2.30 -1.96
N PRO B 62 -38.18 -2.32 -3.11
CA PRO B 62 -38.62 -3.62 -3.67
C PRO B 62 -37.51 -4.53 -4.19
N ASP B 63 -37.81 -5.81 -4.25
CA ASP B 63 -36.86 -6.82 -4.71
C ASP B 63 -36.41 -6.62 -6.17
N ALA B 64 -37.37 -6.45 -7.11
CA ALA B 64 -37.04 -6.27 -8.53
C ALA B 64 -36.18 -5.04 -8.74
N TYR B 65 -36.55 -3.91 -8.09
CA TYR B 65 -35.77 -2.69 -8.20
C TYR B 65 -34.31 -2.90 -7.75
N ASN B 66 -34.12 -3.56 -6.59
CA ASN B 66 -32.77 -3.79 -6.07
C ASN B 66 -31.93 -4.71 -6.94
N LEU B 67 -32.58 -5.62 -7.72
CA LEU B 67 -31.84 -6.49 -8.62
C LEU B 67 -31.21 -5.61 -9.73
N GLY B 68 -32.01 -4.70 -10.29
CA GLY B 68 -31.52 -3.77 -11.31
C GLY B 68 -30.42 -2.87 -10.76
N LEU B 69 -30.61 -2.35 -9.55
CA LEU B 69 -29.60 -1.50 -8.91
C LEU B 69 -28.29 -2.26 -8.71
N SER B 70 -28.36 -3.53 -8.27
CA SER B 70 -27.15 -4.33 -8.11
C SER B 70 -26.44 -4.57 -9.44
N ASP B 71 -27.22 -4.76 -10.53
CA ASP B 71 -26.61 -4.91 -11.86
C ASP B 71 -25.87 -3.62 -12.26
N ARG B 72 -26.47 -2.46 -11.97
CA ARG B 72 -25.83 -1.17 -12.27
C ARG B 72 -24.55 -0.97 -11.46
N ARG B 73 -24.53 -1.47 -10.23
CA ARG B 73 -23.35 -1.40 -9.37
C ARG B 73 -22.20 -2.24 -9.95
N ALA B 74 -22.53 -3.42 -10.51
CA ALA B 74 -21.50 -4.26 -11.12
C ALA B 74 -21.00 -3.60 -12.41
N LYS B 75 -21.93 -3.08 -13.21
CA LYS B 75 -21.58 -2.44 -14.47
C LYS B 75 -20.70 -1.21 -14.27
N SER B 76 -20.93 -0.40 -13.21
CA SER B 76 -20.08 0.77 -12.98
C SER B 76 -18.62 0.33 -12.73
N VAL B 77 -18.42 -0.78 -12.00
CA VAL B 77 -17.09 -1.33 -11.74
C VAL B 77 -16.47 -1.83 -13.05
N VAL B 78 -17.23 -2.63 -13.81
CA VAL B 78 -16.74 -3.15 -15.10
C VAL B 78 -16.34 -2.01 -16.05
N ASP B 79 -17.20 -0.98 -16.16
CA ASP B 79 -16.92 0.14 -17.04
C ASP B 79 -15.68 0.92 -16.63
N TYR B 80 -15.45 1.08 -15.31
CA TYR B 80 -14.23 1.76 -14.84
C TYR B 80 -13.00 0.94 -15.26
N LEU B 81 -13.03 -0.38 -15.01
CA LEU B 81 -11.90 -1.23 -15.33
C LEU B 81 -11.61 -1.27 -16.82
N THR B 82 -12.66 -1.46 -17.66
CA THR B 82 -12.44 -1.50 -19.10
C THR B 82 -12.00 -0.15 -19.64
N SER B 83 -12.46 0.97 -19.04
CA SER B 83 -12.02 2.29 -19.47
C SER B 83 -10.51 2.51 -19.21
N ARG B 84 -9.94 1.76 -18.25
CA ARG B 84 -8.53 1.82 -17.91
C ARG B 84 -7.68 0.74 -18.62
N GLY B 85 -8.25 0.09 -19.63
CA GLY B 85 -7.51 -0.90 -20.42
C GLY B 85 -7.67 -2.35 -20.05
N ILE B 86 -8.43 -2.68 -19.00
CA ILE B 86 -8.64 -4.08 -18.63
C ILE B 86 -9.57 -4.73 -19.64
N ALA B 87 -9.16 -5.87 -20.23
CA ALA B 87 -10.01 -6.55 -21.20
C ALA B 87 -11.28 -7.07 -20.50
N ALA B 88 -12.45 -6.85 -21.13
CA ALA B 88 -13.73 -7.27 -20.58
C ALA B 88 -13.78 -8.78 -20.32
N ASP B 89 -13.08 -9.58 -21.12
CA ASP B 89 -13.07 -11.03 -20.95
C ASP B 89 -12.38 -11.48 -19.63
N ARG B 90 -11.73 -10.56 -18.92
CA ARG B 90 -11.10 -10.90 -17.66
C ARG B 90 -12.02 -10.73 -16.46
N LEU B 91 -13.27 -10.30 -16.68
CA LEU B 91 -14.18 -10.01 -15.60
C LEU B 91 -15.45 -10.83 -15.77
N THR B 92 -15.95 -11.38 -14.67
CA THR B 92 -17.19 -12.13 -14.66
C THR B 92 -18.00 -11.54 -13.53
N TRP B 93 -19.28 -11.22 -13.76
CA TRP B 93 -20.05 -10.53 -12.73
C TRP B 93 -21.49 -10.99 -12.58
N LYS B 94 -22.05 -10.79 -11.39
CA LYS B 94 -23.44 -11.10 -11.10
C LYS B 94 -23.99 -10.07 -10.12
N GLY B 95 -25.26 -9.71 -10.32
CA GLY B 95 -25.97 -8.80 -9.43
C GLY B 95 -26.91 -9.66 -8.61
N TYR B 96 -26.86 -9.51 -7.29
CA TYR B 96 -27.66 -10.35 -6.41
C TYR B 96 -28.87 -9.66 -5.78
N GLY B 97 -29.11 -8.39 -6.09
CA GLY B 97 -30.17 -7.62 -5.45
C GLY B 97 -29.93 -7.57 -3.95
N LYS B 98 -30.98 -7.80 -3.15
CA LYS B 98 -30.80 -7.87 -1.70
C LYS B 98 -30.84 -9.34 -1.21
N SER B 99 -30.57 -10.32 -2.07
CA SER B 99 -30.66 -11.74 -1.71
C SER B 99 -29.49 -12.30 -0.91
N VAL B 100 -28.37 -11.57 -0.85
CA VAL B 100 -27.19 -12.06 -0.16
C VAL B 100 -26.64 -11.01 0.82
N PRO B 101 -27.22 -10.90 2.04
CA PRO B 101 -26.64 -9.99 3.04
C PRO B 101 -25.21 -10.39 3.36
N LYS B 102 -24.39 -9.39 3.67
CA LYS B 102 -22.98 -9.60 3.93
C LYS B 102 -22.70 -10.26 5.27
N THR B 103 -21.62 -11.07 5.30
CA THR B 103 -21.19 -11.69 6.53
C THR B 103 -20.07 -10.82 7.13
N VAL B 104 -20.17 -10.53 8.42
CA VAL B 104 -19.18 -9.69 9.11
C VAL B 104 -17.84 -10.42 9.21
N THR B 105 -16.78 -9.78 8.72
CA THR B 105 -15.44 -10.31 8.78
C THR B 105 -14.79 -9.88 10.13
N ALA B 106 -13.60 -10.45 10.46
CA ALA B 106 -12.89 -10.05 11.69
C ALA B 106 -12.59 -8.55 11.67
N LYS B 107 -12.22 -7.99 10.49
CA LYS B 107 -11.90 -6.56 10.42
C LYS B 107 -13.13 -5.69 10.71
N ILE B 108 -14.28 -6.05 10.08
CA ILE B 108 -15.52 -5.30 10.34
C ILE B 108 -15.91 -5.39 11.82
N ALA B 109 -15.78 -6.60 12.39
CA ALA B 109 -16.13 -6.80 13.80
C ALA B 109 -15.23 -5.99 14.75
N GLU B 110 -13.95 -5.84 14.39
CA GLU B 110 -13.04 -5.05 15.20
C GLU B 110 -13.51 -3.58 15.28
N ARG B 111 -14.07 -3.08 14.19
CA ARG B 111 -14.48 -1.68 14.04
C ARG B 111 -15.83 -1.33 14.65
N HIS B 112 -16.66 -2.35 14.95
CA HIS B 112 -18.00 -2.06 15.47
C HIS B 112 -18.30 -2.92 16.67
N ASP B 113 -18.58 -2.29 17.82
CA ASP B 113 -18.86 -3.04 19.05
C ASP B 113 -20.14 -3.89 18.98
N PHE B 114 -21.08 -3.54 18.12
CA PHE B 114 -22.34 -4.26 18.00
C PHE B 114 -22.30 -5.40 16.96
N LEU B 115 -21.16 -5.60 16.27
CA LEU B 115 -21.03 -6.64 15.26
C LEU B 115 -19.96 -7.64 15.67
N LYS B 116 -20.24 -8.93 15.45
CA LYS B 116 -19.31 -10.01 15.75
C LYS B 116 -18.98 -10.75 14.44
N GLU B 117 -17.79 -11.31 14.32
CA GLU B 117 -17.38 -12.08 13.14
C GLU B 117 -18.37 -13.25 12.92
N GLY B 118 -18.84 -13.40 11.70
CA GLY B 118 -19.81 -14.45 11.38
C GLY B 118 -21.24 -13.96 11.35
N ASP B 119 -21.53 -12.78 11.94
CA ASP B 119 -22.91 -12.24 11.92
C ASP B 119 -23.30 -11.97 10.46
N VAL B 120 -24.52 -12.35 10.07
CA VAL B 120 -24.99 -12.10 8.72
C VAL B 120 -25.97 -10.94 8.84
N LEU B 121 -25.76 -9.89 8.04
CA LEU B 121 -26.56 -8.66 8.10
C LEU B 121 -27.93 -8.79 7.43
N THR B 122 -28.71 -9.81 7.83
CA THR B 122 -30.04 -10.05 7.29
C THR B 122 -31.01 -8.94 7.75
N GLU B 123 -32.18 -8.85 7.10
CA GLU B 123 -33.21 -7.88 7.49
C GLU B 123 -33.61 -8.08 8.97
N GLU B 124 -33.72 -9.35 9.40
CA GLU B 124 -34.08 -9.69 10.76
C GLU B 124 -33.01 -9.30 11.78
N PHE B 125 -31.72 -9.38 11.36
CA PHE B 125 -30.62 -8.95 12.21
C PHE B 125 -30.60 -7.42 12.35
N VAL B 126 -30.83 -6.71 11.25
CA VAL B 126 -30.72 -5.24 11.23
C VAL B 126 -31.93 -4.53 11.86
N ALA B 127 -33.13 -5.07 11.66
CA ALA B 127 -34.39 -4.49 12.17
C ALA B 127 -34.36 -3.97 13.61
N PRO B 128 -33.89 -4.71 14.64
CA PRO B 128 -33.99 -4.17 16.02
C PRO B 128 -32.89 -3.21 16.46
N LEU B 129 -31.89 -2.97 15.59
CA LEU B 129 -30.76 -2.11 15.93
C LEU B 129 -31.14 -0.61 15.98
N THR B 130 -30.25 0.21 16.55
CA THR B 130 -30.49 1.66 16.58
C THR B 130 -30.42 2.21 15.15
N GLU B 131 -30.94 3.44 14.92
CA GLU B 131 -30.89 4.07 13.61
C GLU B 131 -29.43 4.16 13.07
N GLU B 132 -28.49 4.52 13.93
CA GLU B 132 -27.07 4.64 13.54
C GLU B 132 -26.49 3.27 13.18
N GLN B 133 -26.83 2.23 13.98
CA GLN B 133 -26.34 0.86 13.72
C GLN B 133 -26.93 0.31 12.43
N GLN B 134 -28.23 0.61 12.17
CA GLN B 134 -28.89 0.17 10.94
C GLN B 134 -28.22 0.83 9.74
N SER B 135 -27.84 2.13 9.85
CA SER B 135 -27.17 2.80 8.76
C SER B 135 -25.81 2.16 8.46
N VAL B 136 -25.09 1.71 9.50
CA VAL B 136 -23.80 1.01 9.33
C VAL B 136 -24.03 -0.30 8.56
N CYS B 137 -25.01 -1.10 9.01
CA CYS B 137 -25.28 -2.39 8.36
C CYS B 137 -25.75 -2.23 6.93
N ASP B 138 -26.68 -1.29 6.68
CA ASP B 138 -27.19 -1.06 5.32
C ASP B 138 -26.05 -0.64 4.39
N GLN B 139 -25.14 0.23 4.90
CA GLN B 139 -23.97 0.60 4.10
C GLN B 139 -23.12 -0.64 3.76
N LEU B 140 -22.88 -1.51 4.74
CA LEU B 140 -22.07 -2.71 4.50
C LEU B 140 -22.68 -3.62 3.45
N ASN B 141 -24.03 -3.64 3.35
CA ASN B 141 -24.74 -4.45 2.34
C ASN B 141 -24.69 -3.82 0.94
N ARG B 142 -24.49 -2.49 0.85
CA ARG B 142 -24.43 -1.81 -0.45
C ARG B 142 -22.99 -1.94 -0.94
N ARG B 143 -22.63 -3.13 -1.47
CA ARG B 143 -21.23 -3.36 -1.85
C ARG B 143 -21.06 -4.27 -3.06
N THR B 144 -19.85 -4.22 -3.59
CA THR B 144 -19.37 -5.17 -4.60
C THR B 144 -18.23 -5.96 -3.94
N GLU B 145 -18.33 -7.28 -4.07
CA GLU B 145 -17.34 -8.25 -3.61
C GLU B 145 -16.49 -8.67 -4.80
N PHE B 146 -15.26 -9.04 -4.53
CA PHE B 146 -14.35 -9.53 -5.56
C PHE B 146 -13.74 -10.83 -5.14
N ARG B 147 -13.37 -11.66 -6.13
CA ARG B 147 -12.62 -12.88 -5.89
C ARG B 147 -11.70 -13.08 -7.09
N VAL B 148 -10.42 -13.32 -6.85
CA VAL B 148 -9.44 -13.52 -7.91
C VAL B 148 -9.50 -14.97 -8.33
N ILE B 149 -9.69 -15.21 -9.64
CA ILE B 149 -9.82 -16.57 -10.15
C ILE B 149 -8.94 -16.78 -11.39
N GLU B 150 -8.78 -18.05 -11.83
CA GLU B 150 -8.07 -18.37 -13.06
C GLU B 150 -9.12 -18.39 -14.19
N SER C 1 2.17 25.03 12.51
CA SER C 1 2.08 25.64 11.19
C SER C 1 3.20 25.20 10.23
N SER C 2 4.32 24.70 10.75
CA SER C 2 5.42 24.25 9.91
C SER C 2 5.17 22.84 9.39
N GLY C 3 5.12 22.69 8.07
CA GLY C 3 4.88 21.40 7.44
C GLY C 3 6.12 20.55 7.31
N VAL C 4 5.95 19.24 7.23
CA VAL C 4 7.08 18.33 7.09
C VAL C 4 7.29 18.05 5.59
N ASP C 5 8.53 17.81 5.20
CA ASP C 5 8.84 17.46 3.81
C ASP C 5 8.53 16.00 3.58
N LEU C 6 8.02 15.66 2.40
CA LEU C 6 7.82 14.28 2.04
C LEU C 6 9.20 13.78 1.52
N GLY C 7 9.91 13.08 2.40
CA GLY C 7 11.25 12.61 2.09
C GLY C 7 11.66 11.43 2.94
N THR C 8 12.82 10.84 2.64
CA THR C 8 13.29 9.67 3.36
C THR C 8 14.30 9.98 4.47
N GLU C 9 14.90 11.19 4.49
CA GLU C 9 15.90 11.49 5.51
C GLU C 9 15.35 11.64 6.91
N ASN C 10 14.20 12.28 7.06
CA ASN C 10 13.65 12.64 8.35
C ASN C 10 12.56 11.73 8.88
N LEU C 11 11.70 11.26 7.97
CA LEU C 11 10.55 10.46 8.32
C LEU C 11 10.50 9.14 7.56
N TYR C 12 9.73 8.20 8.08
CA TYR C 12 9.55 6.91 7.46
C TYR C 12 8.16 6.82 6.90
N PHE C 13 8.13 6.44 5.65
CA PHE C 13 6.88 6.24 4.95
C PHE C 13 6.96 4.90 4.29
N GLN C 14 5.89 4.10 4.42
CA GLN C 14 5.85 2.83 3.70
C GLN C 14 5.89 3.08 2.17
N SER C 15 5.25 4.15 1.70
CA SER C 15 5.13 4.40 0.28
C SER C 15 6.18 5.35 -0.31
N LEU C 16 7.23 5.69 0.45
CA LEU C 16 8.37 6.45 -0.10
C LEU C 16 9.60 5.95 0.63
N GLN C 17 10.23 4.90 0.10
CA GLN C 17 11.32 4.22 0.75
C GLN C 17 12.70 4.61 0.23
N ASN C 18 13.71 4.47 1.09
CA ASN C 18 15.10 4.55 0.67
C ASN C 18 15.36 3.34 -0.26
N ILE C 19 16.34 3.51 -1.16
CA ILE C 19 16.84 2.43 -1.98
C ILE C 19 18.11 1.99 -1.28
N PHE C 20 18.28 0.69 -1.01
CA PHE C 20 19.52 0.21 -0.39
C PHE C 20 20.26 -0.66 -1.41
N TYR C 21 21.58 -0.74 -1.29
CA TYR C 21 22.39 -1.46 -2.26
C TYR C 21 23.31 -2.48 -1.64
N ASP C 22 23.70 -3.48 -2.45
CA ASP C 22 24.69 -4.46 -2.05
C ASP C 22 26.07 -3.75 -1.97
N PHE C 23 27.00 -4.37 -1.25
CA PHE C 23 28.36 -3.86 -1.12
C PHE C 23 29.02 -3.78 -2.48
N ASP C 24 29.57 -2.60 -2.80
CA ASP C 24 30.27 -2.30 -4.04
C ASP C 24 29.39 -2.46 -5.29
N LYS C 25 28.06 -2.32 -5.14
CA LYS C 25 27.15 -2.44 -6.26
C LYS C 25 26.24 -1.24 -6.37
N ALA C 26 25.91 -0.88 -7.61
CA ALA C 26 24.93 0.17 -7.92
C ALA C 26 23.62 -0.45 -8.51
N THR C 27 23.52 -1.79 -8.57
CA THR C 27 22.39 -2.52 -9.10
C THR C 27 21.13 -2.26 -8.30
N LEU C 28 19.99 -2.36 -8.97
CA LEU C 28 18.71 -2.22 -8.29
C LEU C 28 18.20 -3.61 -7.91
N ARG C 29 18.17 -3.90 -6.62
CA ARG C 29 17.64 -5.17 -6.09
C ARG C 29 16.14 -5.28 -6.52
N PRO C 30 15.56 -6.49 -6.48
CA PRO C 30 14.11 -6.62 -6.76
C PRO C 30 13.27 -5.70 -5.86
N GLU C 31 13.68 -5.56 -4.58
CA GLU C 31 12.98 -4.69 -3.62
C GLU C 31 13.03 -3.22 -4.05
N SER C 32 14.17 -2.83 -4.62
CA SER C 32 14.36 -1.45 -5.07
C SER C 32 13.38 -1.14 -6.21
N MET C 33 13.12 -2.13 -7.09
CA MET C 33 12.20 -1.91 -8.21
C MET C 33 10.78 -1.67 -7.71
N LYS C 34 10.36 -2.39 -6.65
CA LYS C 34 9.04 -2.11 -6.05
C LYS C 34 9.02 -0.68 -5.49
N SER C 35 10.10 -0.29 -4.77
CA SER C 35 10.15 1.05 -4.18
C SER C 35 10.09 2.15 -5.27
N LEU C 36 10.78 1.91 -6.39
CA LEU C 36 10.77 2.88 -7.48
C LEU C 36 9.42 2.93 -8.19
N ASP C 37 8.71 1.79 -8.27
CA ASP C 37 7.36 1.78 -8.83
C ASP C 37 6.42 2.65 -7.96
N GLU C 38 6.60 2.63 -6.63
CA GLU C 38 5.81 3.47 -5.71
C GLU C 38 6.15 4.96 -5.98
N LEU C 39 7.42 5.26 -6.25
CA LEU C 39 7.88 6.62 -6.57
C LEU C 39 7.28 7.08 -7.91
N ILE C 40 7.23 6.18 -8.91
CA ILE C 40 6.63 6.48 -10.21
C ILE C 40 5.14 6.81 -10.03
N ARG C 41 4.44 6.13 -9.12
CA ARG C 41 3.03 6.41 -8.86
C ARG C 41 2.86 7.85 -8.34
N ILE C 42 3.73 8.27 -7.42
CA ILE C 42 3.70 9.66 -6.90
C ILE C 42 3.93 10.66 -8.04
N LEU C 43 4.93 10.37 -8.89
CA LEU C 43 5.25 11.26 -10.01
C LEU C 43 4.13 11.36 -11.06
N THR C 44 3.45 10.24 -11.32
CA THR C 44 2.39 10.24 -12.34
C THR C 44 1.08 10.82 -11.77
N ASP C 45 0.82 10.63 -10.46
CA ASP C 45 -0.39 11.20 -9.84
C ASP C 45 -0.26 12.70 -9.60
N ASN C 46 0.97 13.22 -9.49
CA ASN C 46 1.25 14.64 -9.24
C ASN C 46 2.20 15.08 -10.36
N PRO C 47 1.65 15.38 -11.55
CA PRO C 47 2.51 15.59 -12.72
C PRO C 47 3.49 16.76 -12.69
N ASP C 48 3.33 17.71 -11.77
CA ASP C 48 4.21 18.87 -11.74
C ASP C 48 5.33 18.77 -10.71
N ILE C 49 5.25 17.87 -9.74
CA ILE C 49 6.30 17.76 -8.73
C ILE C 49 7.60 17.18 -9.32
N ARG C 50 8.71 17.41 -8.63
CA ARG C 50 10.01 16.90 -8.98
C ARG C 50 10.57 16.11 -7.81
N ILE C 51 11.62 15.30 -8.07
CA ILE C 51 12.26 14.53 -7.03
C ILE C 51 13.73 14.90 -6.96
N GLU C 52 14.20 15.12 -5.75
CA GLU C 52 15.60 15.36 -5.49
C GLU C 52 16.11 14.02 -4.91
N LEU C 53 17.17 13.45 -5.48
CA LEU C 53 17.73 12.21 -4.98
C LEU C 53 19.21 12.31 -4.69
N GLY C 54 19.61 11.76 -3.56
CA GLY C 54 21.01 11.81 -3.12
C GLY C 54 21.49 10.42 -2.84
N SER C 55 22.59 10.01 -3.49
CA SER C 55 23.11 8.66 -3.33
C SER C 55 24.42 8.62 -2.57
N HIS C 56 24.63 7.51 -1.86
CA HIS C 56 25.69 7.42 -0.89
C HIS C 56 26.46 6.11 -0.90
N ALA C 57 27.56 6.07 -0.16
CA ALA C 57 28.43 4.91 -0.01
C ALA C 57 28.76 4.69 1.48
N ASP C 58 29.09 3.44 1.86
CA ASP C 58 29.48 3.17 3.23
C ASP C 58 30.99 3.56 3.44
N ARG C 59 31.50 3.43 4.66
CA ARG C 59 32.86 3.86 5.01
C ARG C 59 34.04 3.16 4.32
N LYS C 60 33.83 1.95 3.78
CA LYS C 60 34.94 1.17 3.21
C LYS C 60 35.44 1.69 1.85
N GLY C 61 36.76 1.70 1.69
CA GLY C 61 37.36 2.13 0.43
C GLY C 61 37.66 3.61 0.34
N PRO C 62 38.43 3.98 -0.70
CA PRO C 62 38.83 5.39 -0.87
C PRO C 62 37.72 6.37 -1.19
N ASP C 63 37.98 7.65 -0.90
CA ASP C 63 37.04 8.75 -1.11
C ASP C 63 36.60 8.90 -2.57
N ALA C 64 37.57 9.01 -3.50
CA ALA C 64 37.27 9.19 -4.92
C ALA C 64 36.49 8.02 -5.49
N TYR C 65 36.88 6.79 -5.14
CA TYR C 65 36.17 5.59 -5.61
C TYR C 65 34.70 5.63 -5.17
N ASN C 66 34.45 5.94 -3.89
CA ASN C 66 33.11 5.99 -3.34
C ASN C 66 32.24 7.09 -3.94
N LEU C 67 32.86 8.19 -4.42
CA LEU C 67 32.11 9.25 -5.10
C LEU C 67 31.56 8.70 -6.41
N GLY C 68 32.41 8.01 -7.18
CA GLY C 68 32.01 7.38 -8.43
C GLY C 68 30.92 6.33 -8.21
N LEU C 69 31.07 5.50 -7.16
CA LEU C 69 30.06 4.49 -6.84
C LEU C 69 28.72 5.13 -6.49
N SER C 70 28.74 6.21 -5.71
CA SER C 70 27.51 6.91 -5.37
C SER C 70 26.86 7.53 -6.62
N ASP C 71 27.65 8.05 -7.57
CA ASP C 71 27.11 8.58 -8.82
C ASP C 71 26.42 7.44 -9.61
N ARG C 72 27.03 6.24 -9.65
CA ARG C 72 26.44 5.09 -10.34
C ARG C 72 25.12 4.67 -9.65
N ARG C 73 25.05 4.78 -8.33
CA ARG C 73 23.85 4.44 -7.56
C ARG C 73 22.71 5.41 -7.91
N ALA C 74 23.04 6.71 -8.08
CA ALA C 74 22.03 7.69 -8.43
C ALA C 74 21.57 7.46 -9.87
N LYS C 75 22.52 7.19 -10.78
CA LYS C 75 22.22 6.94 -12.18
C LYS C 75 21.36 5.71 -12.39
N SER C 76 21.56 4.64 -11.60
CA SER C 76 20.72 3.44 -11.75
C SER C 76 19.25 3.76 -11.46
N VAL C 77 19.03 4.61 -10.46
CA VAL C 77 17.67 5.07 -10.09
C VAL C 77 17.08 5.91 -11.22
N VAL C 78 17.84 6.91 -11.69
CA VAL C 78 17.38 7.77 -12.77
C VAL C 78 17.04 6.98 -14.03
N ASP C 79 17.92 6.04 -14.41
CA ASP C 79 17.69 5.23 -15.60
C ASP C 79 16.43 4.38 -15.48
N TYR C 80 16.15 3.83 -14.29
CA TYR C 80 14.93 3.04 -14.09
C TYR C 80 13.70 3.95 -14.28
N LEU C 81 13.73 5.14 -13.68
CA LEU C 81 12.58 6.06 -13.76
C LEU C 81 12.36 6.53 -15.19
N THR C 82 13.43 6.97 -15.89
CA THR C 82 13.28 7.44 -17.27
C THR C 82 12.86 6.29 -18.20
N SER C 83 13.30 5.05 -17.92
CA SER C 83 12.89 3.90 -18.74
C SER C 83 11.37 3.61 -18.62
N ARG C 84 10.75 4.07 -17.52
CA ARG C 84 9.33 3.94 -17.24
C ARG C 84 8.51 5.18 -17.66
N GLY C 85 9.12 6.11 -18.40
CA GLY C 85 8.41 7.27 -18.90
C GLY C 85 8.55 8.57 -18.12
N ILE C 86 9.27 8.56 -16.99
CA ILE C 86 9.46 9.79 -16.22
C ILE C 86 10.40 10.72 -16.97
N ALA C 87 9.99 11.98 -17.15
CA ALA C 87 10.83 12.96 -17.85
C ALA C 87 12.09 13.23 -17.02
N ALA C 88 13.28 13.21 -17.66
CA ALA C 88 14.56 13.41 -16.96
C ALA C 88 14.61 14.76 -16.25
N ASP C 89 13.94 15.78 -16.80
CA ASP C 89 13.93 17.12 -16.20
C ASP C 89 13.21 17.18 -14.84
N ARG C 90 12.47 16.13 -14.48
CA ARG C 90 11.79 16.09 -13.19
C ARG C 90 12.66 15.56 -12.06
N LEU C 91 13.91 15.15 -12.35
CA LEU C 91 14.80 14.55 -11.38
C LEU C 91 16.08 15.35 -11.24
N THR C 92 16.52 15.54 -10.00
CA THR C 92 17.79 16.20 -9.71
C THR C 92 18.53 15.22 -8.85
N TRP C 93 19.74 14.82 -9.25
CA TRP C 93 20.48 13.80 -8.52
C TRP C 93 21.91 14.21 -8.21
N LYS C 94 22.46 13.70 -7.09
CA LYS C 94 23.82 13.97 -6.64
C LYS C 94 24.39 12.78 -5.91
N GLY C 95 25.65 12.49 -6.19
CA GLY C 95 26.37 11.46 -5.47
C GLY C 95 27.18 12.15 -4.39
N TYR C 96 27.09 11.65 -3.16
CA TYR C 96 27.80 12.23 -2.03
C TYR C 96 28.99 11.40 -1.56
N GLY C 97 29.30 10.27 -2.21
CA GLY C 97 30.35 9.37 -1.78
C GLY C 97 30.07 8.87 -0.36
N LYS C 98 31.10 8.87 0.50
CA LYS C 98 30.87 8.53 1.90
C LYS C 98 30.86 9.78 2.82
N SER C 99 30.63 10.98 2.24
CA SER C 99 30.70 12.24 2.96
C SER C 99 29.50 12.54 3.84
N VAL C 100 28.38 11.83 3.67
CA VAL C 100 27.18 12.09 4.44
C VAL C 100 26.64 10.80 5.07
N PRO C 101 27.19 10.37 6.22
CA PRO C 101 26.61 9.19 6.90
C PRO C 101 25.16 9.45 7.27
N LYS C 102 24.35 8.39 7.25
CA LYS C 102 22.93 8.50 7.52
C LYS C 102 22.60 8.75 8.97
N THR C 103 21.53 9.51 9.21
CA THR C 103 21.02 9.73 10.56
C THR C 103 19.91 8.70 10.82
N VAL C 104 19.98 8.04 11.97
CA VAL C 104 18.99 7.04 12.35
C VAL C 104 17.63 7.67 12.60
N THR C 105 16.60 7.19 11.90
CA THR C 105 15.23 7.65 12.07
C THR C 105 14.56 6.84 13.21
N ALA C 106 13.35 7.25 13.64
CA ALA C 106 12.62 6.51 14.67
C ALA C 106 12.35 5.06 14.21
N LYS C 107 12.03 4.87 12.91
CA LYS C 107 11.74 3.52 12.41
C LYS C 107 12.98 2.63 12.45
N ILE C 108 14.14 3.18 12.03
CA ILE C 108 15.39 2.41 12.09
C ILE C 108 15.72 2.07 13.54
N ALA C 109 15.55 3.03 14.45
CA ALA C 109 15.80 2.82 15.87
C ALA C 109 14.87 1.73 16.47
N GLU C 110 13.61 1.66 16.02
CA GLU C 110 12.68 0.65 16.50
C GLU C 110 13.17 -0.77 16.13
N ARG C 111 13.79 -0.90 14.96
CA ARG C 111 14.24 -2.17 14.42
C ARG C 111 15.55 -2.68 14.95
N HIS C 112 16.37 -1.79 15.55
CA HIS C 112 17.68 -2.17 16.05
C HIS C 112 17.92 -1.66 17.45
N ASP C 113 18.10 -2.56 18.41
CA ASP C 113 18.31 -2.21 19.80
C ASP C 113 19.53 -1.34 20.05
N PHE C 114 20.58 -1.49 19.23
CA PHE C 114 21.82 -0.73 19.40
C PHE C 114 21.82 0.67 18.75
N LEU C 115 20.73 1.03 18.06
CA LEU C 115 20.65 2.34 17.40
C LEU C 115 19.55 3.17 18.03
N LYS C 116 19.83 4.46 18.22
CA LYS C 116 18.86 5.40 18.78
C LYS C 116 18.58 6.48 17.74
N GLU C 117 17.37 7.04 17.74
CA GLU C 117 17.00 8.11 16.83
C GLU C 117 17.95 9.31 16.97
N GLY C 118 18.46 9.81 15.86
CA GLY C 118 19.40 10.93 15.90
C GLY C 118 20.86 10.50 15.81
N ASP C 119 21.16 9.20 16.03
CA ASP C 119 22.54 8.71 15.90
C ASP C 119 23.01 8.88 14.46
N VAL C 120 24.22 9.38 14.24
CA VAL C 120 24.75 9.53 12.89
C VAL C 120 25.77 8.42 12.71
N LEU C 121 25.61 7.64 11.64
CA LEU C 121 26.43 6.46 11.36
C LEU C 121 27.82 6.77 10.79
N THR C 122 28.57 7.63 11.49
CA THR C 122 29.93 8.00 11.10
C THR C 122 30.90 6.82 11.27
N GLU C 123 32.12 6.91 10.70
CA GLU C 123 33.13 5.86 10.87
C GLU C 123 33.46 5.67 12.35
N GLU C 124 33.54 6.77 13.11
CA GLU C 124 33.82 6.72 14.54
C GLU C 124 32.69 6.04 15.34
N PHE C 125 31.44 6.22 14.89
CA PHE C 125 30.31 5.57 15.54
C PHE C 125 30.32 4.07 15.26
N VAL C 126 30.62 3.68 14.01
CA VAL C 126 30.53 2.28 13.58
C VAL C 126 31.72 1.44 14.03
N ALA C 127 32.93 2.01 14.05
CA ALA C 127 34.17 1.32 14.42
C ALA C 127 34.11 0.42 15.68
N PRO C 128 33.58 0.84 16.84
CA PRO C 128 33.63 -0.05 18.02
C PRO C 128 32.54 -1.10 18.12
N LEU C 129 31.59 -1.11 17.19
CA LEU C 129 30.47 -2.05 17.21
C LEU C 129 30.86 -3.48 16.84
N THR C 130 29.97 -4.46 17.12
CA THR C 130 30.24 -5.85 16.74
C THR C 130 30.22 -5.98 15.21
N GLU C 131 30.74 -7.09 14.66
CA GLU C 131 30.73 -7.32 13.22
C GLU C 131 29.30 -7.26 12.62
N GLU C 132 28.33 -7.88 13.31
CA GLU C 132 26.95 -7.86 12.85
C GLU C 132 26.37 -6.44 12.88
N GLN C 133 26.67 -5.67 13.95
CA GLN C 133 26.18 -4.29 14.07
C GLN C 133 26.79 -3.40 13.00
N GLN C 134 28.09 -3.59 12.72
CA GLN C 134 28.81 -2.85 11.68
C GLN C 134 28.16 -3.14 10.32
N SER C 135 27.81 -4.40 10.06
CA SER C 135 27.18 -4.76 8.78
C SER C 135 25.83 -4.06 8.62
N VAL C 136 25.06 -3.93 9.72
CA VAL C 136 23.78 -3.22 9.70
C VAL C 136 24.01 -1.74 9.34
N CYS C 137 24.95 -1.09 10.05
CA CYS C 137 25.22 0.32 9.81
C CYS C 137 25.72 0.59 8.40
N ASP C 138 26.69 -0.23 7.91
CA ASP C 138 27.24 -0.05 6.57
C ASP C 138 26.12 -0.21 5.52
N GLN C 139 25.21 -1.18 5.73
CA GLN C 139 24.07 -1.32 4.82
C GLN C 139 23.21 -0.05 4.80
N LEU C 140 22.92 0.49 5.98
CA LEU C 140 22.10 1.71 6.07
C LEU C 140 22.73 2.89 5.35
N ASN C 141 24.07 2.96 5.31
CA ASN C 141 24.78 4.02 4.59
C ASN C 141 24.79 3.83 3.08
N ARG C 142 24.65 2.57 2.59
CA ARG C 142 24.62 2.30 1.15
C ARG C 142 23.20 2.55 0.66
N ARG C 143 22.83 3.83 0.51
CA ARG C 143 21.46 4.16 0.16
C ARG C 143 21.30 5.36 -0.74
N THR C 144 20.11 5.46 -1.33
CA THR C 144 19.66 6.65 -2.04
C THR C 144 18.49 7.23 -1.23
N GLU C 145 18.56 8.54 -0.98
CA GLU C 145 17.54 9.32 -0.28
C GLU C 145 16.72 10.05 -1.33
N PHE C 146 15.45 10.33 -1.00
CA PHE C 146 14.56 11.09 -1.88
C PHE C 146 13.89 12.20 -1.12
N ARG C 147 13.54 13.26 -1.84
CA ARG C 147 12.74 14.34 -1.27
C ARG C 147 11.87 14.89 -2.39
N VAL C 148 10.56 15.03 -2.15
CA VAL C 148 9.63 15.56 -3.13
C VAL C 148 9.69 17.08 -3.08
N ILE C 149 9.97 17.72 -4.23
CA ILE C 149 10.10 19.18 -4.28
C ILE C 149 9.26 19.79 -5.42
N GLU C 150 9.13 21.13 -5.44
CA GLU C 150 8.47 21.86 -6.50
C GLU C 150 9.50 22.06 -7.62
N SER D 1 16.06 22.68 -3.27
CA SER D 1 14.87 23.41 -3.66
C SER D 1 13.75 23.39 -2.57
N SER D 2 12.55 23.93 -2.89
CA SER D 2 11.43 24.00 -1.96
C SER D 2 10.67 22.69 -1.89
N GLY D 3 10.59 22.11 -0.70
CA GLY D 3 9.86 20.87 -0.51
C GLY D 3 8.37 21.11 -0.52
N VAL D 4 7.60 20.10 -0.94
CA VAL D 4 6.15 20.22 -0.94
C VAL D 4 5.60 19.80 0.43
N ASP D 5 4.49 20.40 0.89
CA ASP D 5 3.90 19.98 2.16
C ASP D 5 3.19 18.66 1.98
N LEU D 6 3.34 17.74 2.94
CA LEU D 6 2.65 16.47 2.87
C LEU D 6 1.22 16.71 3.35
N GLY D 7 0.32 16.83 2.39
CA GLY D 7 -1.08 17.05 2.70
C GLY D 7 -2.01 16.49 1.65
N THR D 8 -3.30 16.69 1.82
CA THR D 8 -4.29 16.24 0.85
C THR D 8 -4.79 17.37 -0.07
N GLU D 9 -4.56 18.65 0.30
CA GLU D 9 -5.11 19.73 -0.52
C GLU D 9 -4.41 19.86 -1.87
N ASN D 10 -3.07 19.68 -1.88
CA ASN D 10 -2.31 19.90 -3.11
C ASN D 10 -1.61 18.69 -3.68
N LEU D 11 -1.47 17.61 -2.90
CA LEU D 11 -0.78 16.37 -3.31
C LEU D 11 -1.74 15.16 -3.20
N TYR D 12 -1.60 14.16 -4.09
CA TYR D 12 -2.33 12.87 -4.02
C TYR D 12 -1.28 11.79 -3.65
N PHE D 13 -1.28 11.29 -2.39
CA PHE D 13 -0.33 10.31 -1.83
C PHE D 13 -1.12 9.16 -1.23
N GLN D 14 -0.85 7.91 -1.68
CA GLN D 14 -1.65 6.74 -1.32
C GLN D 14 -1.92 6.56 0.16
N SER D 15 -0.94 6.88 1.01
CA SER D 15 -1.05 6.71 2.46
C SER D 15 -1.71 7.84 3.21
N LEU D 16 -2.05 8.94 2.50
CA LEU D 16 -2.66 10.08 3.15
C LEU D 16 -3.79 10.55 2.26
N GLN D 17 -4.96 9.98 2.51
CA GLN D 17 -6.15 10.23 1.70
C GLN D 17 -7.11 11.18 2.39
N ASN D 18 -7.91 11.90 1.59
CA ASN D 18 -9.03 12.66 2.14
C ASN D 18 -10.05 11.66 2.71
N ILE D 19 -10.82 12.12 3.69
CA ILE D 19 -11.94 11.39 4.22
C ILE D 19 -13.16 12.02 3.55
N PHE D 20 -14.04 11.21 2.98
CA PHE D 20 -15.26 11.75 2.34
C PHE D 20 -16.47 11.26 3.15
N TYR D 21 -17.55 12.04 3.15
CA TYR D 21 -18.73 11.72 3.98
C TYR D 21 -20.01 11.68 3.19
N ASP D 22 -20.98 10.93 3.72
CA ASP D 22 -22.33 10.89 3.15
C ASP D 22 -23.00 12.25 3.39
N PHE D 23 -24.06 12.52 2.61
CA PHE D 23 -24.82 13.75 2.75
C PHE D 23 -25.42 13.85 4.16
N ASP D 24 -25.19 14.98 4.81
CA ASP D 24 -25.69 15.27 6.16
C ASP D 24 -25.22 14.28 7.22
N LYS D 25 -24.06 13.64 6.99
CA LYS D 25 -23.51 12.69 7.96
C LYS D 25 -22.07 13.03 8.31
N ALA D 26 -21.71 12.72 9.52
CA ALA D 26 -20.34 12.84 10.01
C ALA D 26 -19.72 11.46 10.30
N THR D 27 -20.42 10.38 9.95
CA THR D 27 -19.96 9.03 10.20
C THR D 27 -18.77 8.66 9.35
N LEU D 28 -17.99 7.72 9.83
CA LEU D 28 -16.83 7.23 9.09
C LEU D 28 -17.23 6.01 8.29
N ARG D 29 -17.24 6.15 6.96
CA ARG D 29 -17.52 5.02 6.06
C ARG D 29 -16.45 3.92 6.27
N PRO D 30 -16.70 2.68 5.80
CA PRO D 30 -15.64 1.64 5.86
C PRO D 30 -14.34 2.11 5.18
N GLU D 31 -14.46 2.82 4.07
CA GLU D 31 -13.29 3.33 3.33
C GLU D 31 -12.50 4.33 4.16
N SER D 32 -13.23 5.16 4.92
CA SER D 32 -12.60 6.15 5.79
C SER D 32 -11.77 5.46 6.87
N MET D 33 -12.26 4.34 7.42
CA MET D 33 -11.51 3.64 8.46
C MET D 33 -10.21 3.08 7.92
N LYS D 34 -10.19 2.56 6.68
CA LYS D 34 -8.93 2.13 6.07
C LYS D 34 -7.98 3.33 5.92
N SER D 35 -8.51 4.46 5.45
CA SER D 35 -7.68 5.66 5.27
C SER D 35 -7.09 6.13 6.61
N LEU D 36 -7.91 6.10 7.67
CA LEU D 36 -7.41 6.49 9.00
C LEU D 36 -6.41 5.49 9.57
N ASP D 37 -6.57 4.17 9.25
CA ASP D 37 -5.57 3.20 9.71
C ASP D 37 -4.20 3.51 9.08
N GLU D 38 -4.20 3.95 7.82
CA GLU D 38 -2.96 4.30 7.13
C GLU D 38 -2.35 5.59 7.71
N LEU D 39 -3.19 6.54 8.14
CA LEU D 39 -2.71 7.76 8.82
C LEU D 39 -2.13 7.37 10.20
N ILE D 40 -2.78 6.44 10.92
CA ILE D 40 -2.26 5.96 12.20
C ILE D 40 -0.88 5.35 12.05
N ARG D 41 -0.64 4.63 10.94
CA ARG D 41 0.67 4.03 10.70
C ARG D 41 1.75 5.12 10.56
N ILE D 42 1.43 6.19 9.83
CA ILE D 42 2.37 7.32 9.69
C ILE D 42 2.66 7.92 11.07
N LEU D 43 1.62 8.10 11.88
CA LEU D 43 1.79 8.67 13.22
C LEU D 43 2.57 7.79 14.19
N THR D 44 2.41 6.46 14.10
CA THR D 44 3.14 5.56 14.99
C THR D 44 4.58 5.34 14.50
N ASP D 45 4.82 5.38 13.19
CA ASP D 45 6.17 5.24 12.65
C ASP D 45 7.02 6.51 12.85
N ASN D 46 6.36 7.68 12.99
CA ASN D 46 7.01 8.99 13.15
C ASN D 46 6.40 9.61 14.42
N PRO D 47 6.88 9.18 15.60
CA PRO D 47 6.18 9.56 16.84
C PRO D 47 6.13 11.03 17.21
N ASP D 48 6.95 11.87 16.56
CA ASP D 48 6.95 13.29 16.91
C ASP D 48 6.14 14.18 15.99
N ILE D 49 5.69 13.68 14.83
CA ILE D 49 4.89 14.51 13.92
C ILE D 49 3.48 14.73 14.48
N ARG D 50 2.83 15.79 14.00
CA ARG D 50 1.47 16.12 14.37
C ARG D 50 0.62 16.24 13.08
N ILE D 51 -0.69 16.37 13.23
CA ILE D 51 -1.60 16.48 12.09
C ILE D 51 -2.54 17.63 12.30
N GLU D 52 -2.72 18.42 11.24
CA GLU D 52 -3.74 19.43 11.22
C GLU D 52 -4.84 18.86 10.30
N LEU D 53 -6.08 18.90 10.77
CA LEU D 53 -7.17 18.46 9.94
C LEU D 53 -8.25 19.54 9.82
N GLY D 54 -8.80 19.63 8.62
CA GLY D 54 -9.82 20.63 8.34
C GLY D 54 -11.01 19.93 7.74
N SER D 55 -12.20 20.12 8.33
CA SER D 55 -13.39 19.42 7.85
C SER D 55 -14.40 20.37 7.24
N HIS D 56 -15.15 19.87 6.28
CA HIS D 56 -15.94 20.72 5.42
C HIS D 56 -17.32 20.18 5.12
N ALA D 57 -18.13 21.02 4.48
CA ALA D 57 -19.49 20.71 4.05
C ALA D 57 -19.72 21.18 2.64
N ASP D 58 -20.70 20.55 1.95
CA ASP D 58 -21.08 20.99 0.62
C ASP D 58 -22.02 22.21 0.74
N ARG D 59 -22.38 22.83 -0.41
CA ARG D 59 -23.19 24.06 -0.52
C ARG D 59 -24.61 23.99 0.05
N LYS D 60 -25.18 22.78 0.25
CA LYS D 60 -26.58 22.69 0.67
C LYS D 60 -26.82 23.03 2.13
N GLY D 61 -27.87 23.81 2.41
CA GLY D 61 -28.23 24.13 3.78
C GLY D 61 -27.57 25.38 4.32
N PRO D 62 -28.05 25.86 5.49
CA PRO D 62 -27.52 27.10 6.06
C PRO D 62 -26.09 27.06 6.55
N ASP D 63 -25.46 28.25 6.65
CA ASP D 63 -24.07 28.35 7.09
C ASP D 63 -23.84 27.83 8.50
N ALA D 64 -24.65 28.30 9.50
CA ALA D 64 -24.42 27.86 10.87
C ALA D 64 -24.59 26.36 11.04
N TYR D 65 -25.62 25.79 10.39
CA TYR D 65 -25.83 24.33 10.46
C TYR D 65 -24.60 23.58 9.93
N ASN D 66 -24.08 24.04 8.79
CA ASN D 66 -22.94 23.39 8.15
C ASN D 66 -21.65 23.54 8.96
N LEU D 67 -21.52 24.61 9.78
CA LEU D 67 -20.35 24.74 10.65
C LEU D 67 -20.39 23.59 11.67
N GLY D 68 -21.57 23.38 12.28
CA GLY D 68 -21.75 22.29 13.24
C GLY D 68 -21.47 20.93 12.62
N LEU D 69 -21.99 20.71 11.42
CA LEU D 69 -21.77 19.43 10.72
C LEU D 69 -20.27 19.22 10.45
N SER D 70 -19.56 20.28 10.03
CA SER D 70 -18.13 20.16 9.76
C SER D 70 -17.38 19.87 11.06
N ASP D 71 -17.83 20.44 12.22
CA ASP D 71 -17.17 20.12 13.48
C ASP D 71 -17.37 18.64 13.82
N ARG D 72 -18.58 18.12 13.60
CA ARG D 72 -18.86 16.70 13.86
C ARG D 72 -17.98 15.80 12.96
N ARG D 73 -17.75 16.22 11.72
CA ARG D 73 -16.90 15.48 10.78
C ARG D 73 -15.45 15.42 11.30
N ALA D 74 -14.94 16.54 11.85
CA ALA D 74 -13.59 16.53 12.39
C ALA D 74 -13.54 15.67 13.64
N LYS D 75 -14.55 15.81 14.52
CA LYS D 75 -14.56 15.07 15.76
C LYS D 75 -14.62 13.55 15.52
N SER D 76 -15.35 13.09 14.50
CA SER D 76 -15.40 11.64 14.20
C SER D 76 -13.99 11.13 13.86
N VAL D 77 -13.20 11.93 13.13
CA VAL D 77 -11.83 11.56 12.79
C VAL D 77 -10.97 11.56 14.04
N VAL D 78 -11.03 12.63 14.82
CA VAL D 78 -10.23 12.70 16.07
C VAL D 78 -10.53 11.55 17.01
N ASP D 79 -11.83 11.24 17.20
CA ASP D 79 -12.23 10.16 18.10
C ASP D 79 -11.74 8.81 17.62
N TYR D 80 -11.75 8.57 16.30
CA TYR D 80 -11.23 7.31 15.75
C TYR D 80 -9.73 7.20 16.06
N LEU D 81 -8.97 8.28 15.80
CA LEU D 81 -7.53 8.28 16.05
C LEU D 81 -7.19 8.10 17.52
N THR D 82 -7.85 8.86 18.40
CA THR D 82 -7.55 8.73 19.83
C THR D 82 -7.99 7.36 20.36
N SER D 83 -9.06 6.77 19.80
CA SER D 83 -9.49 5.41 20.22
C SER D 83 -8.45 4.33 19.85
N ARG D 84 -7.60 4.62 18.87
CA ARG D 84 -6.52 3.76 18.41
C ARG D 84 -5.16 4.10 19.05
N GLY D 85 -5.15 4.92 20.09
CA GLY D 85 -3.92 5.23 20.81
C GLY D 85 -3.20 6.51 20.47
N ILE D 86 -3.67 7.27 19.46
CA ILE D 86 -3.00 8.52 19.11
C ILE D 86 -3.27 9.56 20.19
N ALA D 87 -2.19 10.17 20.74
CA ALA D 87 -2.35 11.21 21.76
C ALA D 87 -3.12 12.41 21.18
N ALA D 88 -4.13 12.91 21.93
CA ALA D 88 -4.96 14.03 21.46
C ALA D 88 -4.13 15.29 21.18
N ASP D 89 -3.01 15.47 21.88
CA ASP D 89 -2.16 16.64 21.67
C ASP D 89 -1.44 16.64 20.31
N ARG D 90 -1.45 15.53 19.57
CA ARG D 90 -0.84 15.50 18.24
C ARG D 90 -1.78 15.96 17.13
N LEU D 91 -3.03 16.30 17.48
CA LEU D 91 -4.02 16.65 16.48
C LEU D 91 -4.58 18.05 16.74
N THR D 92 -4.75 18.83 15.69
CA THR D 92 -5.42 20.13 15.76
C THR D 92 -6.47 20.10 14.67
N TRP D 93 -7.71 20.48 15.00
CA TRP D 93 -8.75 20.43 13.99
C TRP D 93 -9.55 21.72 13.92
N LYS D 94 -10.18 21.93 12.75
CA LYS D 94 -11.05 23.07 12.51
C LYS D 94 -12.18 22.64 11.58
N GLY D 95 -13.38 23.12 11.87
CA GLY D 95 -14.56 22.90 11.04
C GLY D 95 -14.80 24.18 10.24
N TYR D 96 -14.73 24.10 8.91
CA TYR D 96 -14.87 25.29 8.07
C TYR D 96 -16.28 25.47 7.51
N GLY D 97 -17.21 24.58 7.86
CA GLY D 97 -18.55 24.60 7.26
C GLY D 97 -18.45 24.53 5.75
N LYS D 98 -19.18 25.42 5.04
CA LYS D 98 -19.06 25.44 3.58
C LYS D 98 -18.23 26.61 3.09
N SER D 99 -17.35 27.19 3.93
CA SER D 99 -16.60 28.40 3.57
C SER D 99 -15.38 28.18 2.68
N VAL D 100 -14.95 26.92 2.53
CA VAL D 100 -13.76 26.62 1.74
C VAL D 100 -14.06 25.49 0.73
N PRO D 101 -14.64 25.82 -0.43
CA PRO D 101 -14.84 24.78 -1.47
C PRO D 101 -13.49 24.18 -1.89
N LYS D 102 -13.50 22.89 -2.24
CA LYS D 102 -12.27 22.19 -2.60
C LYS D 102 -11.72 22.58 -3.95
N THR D 103 -10.39 22.55 -4.07
CA THR D 103 -9.73 22.78 -5.36
C THR D 103 -9.46 21.39 -6.00
N VAL D 104 -9.81 21.24 -7.27
CA VAL D 104 -9.59 19.99 -7.99
C VAL D 104 -8.10 19.72 -8.20
N THR D 105 -7.65 18.56 -7.74
CA THR D 105 -6.25 18.15 -7.90
C THR D 105 -6.09 17.45 -9.27
N ALA D 106 -4.84 17.17 -9.67
CA ALA D 106 -4.60 16.45 -10.93
C ALA D 106 -5.28 15.07 -10.90
N LYS D 107 -5.25 14.38 -9.74
CA LYS D 107 -5.86 13.05 -9.64
C LYS D 107 -7.38 13.11 -9.81
N ILE D 108 -8.04 14.09 -9.13
CA ILE D 108 -9.48 14.26 -9.30
C ILE D 108 -9.83 14.59 -10.76
N ALA D 109 -9.03 15.46 -11.38
CA ALA D 109 -9.25 15.85 -12.77
C ALA D 109 -9.09 14.67 -13.72
N GLU D 110 -8.17 13.76 -13.42
CA GLU D 110 -7.97 12.58 -14.27
C GLU D 110 -9.22 11.67 -14.27
N ARG D 111 -9.91 11.63 -13.13
CA ARG D 111 -11.07 10.78 -12.93
C ARG D 111 -12.38 11.32 -13.48
N HIS D 112 -12.45 12.62 -13.78
CA HIS D 112 -13.68 13.24 -14.23
C HIS D 112 -13.46 14.14 -15.41
N ASP D 113 -14.09 13.81 -16.54
CA ASP D 113 -13.95 14.58 -17.77
C ASP D 113 -14.38 16.04 -17.66
N PHE D 114 -15.36 16.35 -16.80
CA PHE D 114 -15.85 17.71 -16.65
C PHE D 114 -15.06 18.58 -15.66
N LEU D 115 -14.06 18.01 -14.98
CA LEU D 115 -13.26 18.75 -13.99
C LEU D 115 -11.83 18.90 -14.46
N LYS D 116 -11.26 20.08 -14.26
CA LYS D 116 -9.89 20.38 -14.64
C LYS D 116 -9.11 20.75 -13.36
N GLU D 117 -7.81 20.45 -13.34
CA GLU D 117 -6.95 20.79 -12.20
C GLU D 117 -6.99 22.32 -11.95
N GLY D 118 -7.20 22.70 -10.70
CA GLY D 118 -7.28 24.11 -10.37
C GLY D 118 -8.70 24.64 -10.25
N ASP D 119 -9.70 23.90 -10.79
CA ASP D 119 -11.10 24.32 -10.65
C ASP D 119 -11.49 24.34 -9.16
N VAL D 120 -12.16 25.39 -8.72
CA VAL D 120 -12.59 25.49 -7.33
C VAL D 120 -14.08 25.23 -7.33
N LEU D 121 -14.53 24.28 -6.51
CA LEU D 121 -15.93 23.81 -6.49
C LEU D 121 -16.88 24.72 -5.74
N THR D 122 -16.88 26.00 -6.12
CA THR D 122 -17.75 27.00 -5.52
C THR D 122 -19.21 26.75 -5.92
N GLU D 123 -20.17 27.40 -5.21
CA GLU D 123 -21.58 27.27 -5.54
C GLU D 123 -21.84 27.72 -7.00
N GLU D 124 -21.15 28.79 -7.44
CA GLU D 124 -21.27 29.33 -8.79
C GLU D 124 -20.72 28.37 -9.84
N PHE D 125 -19.67 27.61 -9.49
CA PHE D 125 -19.09 26.61 -10.38
C PHE D 125 -20.03 25.40 -10.53
N VAL D 126 -20.63 24.96 -9.41
CA VAL D 126 -21.46 23.75 -9.39
C VAL D 126 -22.87 23.97 -9.95
N ALA D 127 -23.47 25.14 -9.69
CA ALA D 127 -24.83 25.48 -10.11
C ALA D 127 -25.22 25.12 -11.56
N PRO D 128 -24.43 25.43 -12.61
CA PRO D 128 -24.90 25.13 -13.97
C PRO D 128 -24.66 23.71 -14.47
N LEU D 129 -24.01 22.87 -13.68
CA LEU D 129 -23.68 21.50 -14.07
C LEU D 129 -24.89 20.56 -14.08
N THR D 130 -24.75 19.37 -14.69
CA THR D 130 -25.85 18.38 -14.68
C THR D 130 -26.05 17.83 -13.25
N GLU D 131 -27.18 17.18 -12.99
CA GLU D 131 -27.46 16.61 -11.67
C GLU D 131 -26.36 15.63 -11.21
N GLU D 132 -25.89 14.76 -12.14
CA GLU D 132 -24.82 13.82 -11.80
C GLU D 132 -23.51 14.53 -11.51
N GLN D 133 -23.18 15.57 -12.29
CA GLN D 133 -21.94 16.34 -12.08
C GLN D 133 -21.99 17.10 -10.75
N GLN D 134 -23.17 17.65 -10.41
CA GLN D 134 -23.38 18.35 -9.14
C GLN D 134 -23.17 17.38 -7.99
N SER D 135 -23.67 16.14 -8.11
CA SER D 135 -23.49 15.15 -7.06
C SER D 135 -22.01 14.81 -6.84
N VAL D 136 -21.23 14.77 -7.94
CA VAL D 136 -19.80 14.49 -7.82
C VAL D 136 -19.12 15.65 -7.07
N CYS D 137 -19.42 16.89 -7.47
CA CYS D 137 -18.82 18.07 -6.82
C CYS D 137 -19.18 18.17 -5.35
N ASP D 138 -20.47 18.01 -5.02
CA ASP D 138 -20.93 18.10 -3.64
C ASP D 138 -20.24 17.03 -2.78
N GLN D 139 -20.08 15.81 -3.35
CA GLN D 139 -19.35 14.78 -2.61
C GLN D 139 -17.91 15.22 -2.34
N LEU D 140 -17.23 15.80 -3.34
CA LEU D 140 -15.84 16.22 -3.16
C LEU D 140 -15.69 17.28 -2.09
N ASN D 141 -16.73 18.12 -1.90
CA ASN D 141 -16.73 19.16 -0.86
C ASN D 141 -16.98 18.59 0.55
N ARG D 142 -17.68 17.44 0.64
CA ARG D 142 -17.95 16.80 1.93
C ARG D 142 -16.72 16.00 2.33
N ARG D 143 -15.66 16.70 2.83
CA ARG D 143 -14.42 16.02 3.10
C ARG D 143 -13.67 16.59 4.30
N THR D 144 -12.69 15.79 4.77
CA THR D 144 -11.70 16.24 5.72
C THR D 144 -10.36 16.19 5.00
N GLU D 145 -9.60 17.29 5.15
CA GLU D 145 -8.26 17.48 4.60
C GLU D 145 -7.26 17.28 5.74
N PHE D 146 -6.06 16.83 5.39
CA PHE D 146 -4.99 16.66 6.37
C PHE D 146 -3.72 17.36 5.90
N ARG D 147 -2.89 17.78 6.85
CA ARG D 147 -1.55 18.29 6.56
C ARG D 147 -0.66 17.82 7.71
N VAL D 148 0.48 17.18 7.38
CA VAL D 148 1.42 16.69 8.37
C VAL D 148 2.31 17.82 8.78
N ILE D 149 2.39 18.10 10.08
CA ILE D 149 3.20 19.22 10.56
C ILE D 149 4.14 18.80 11.70
N GLU D 150 5.10 19.66 12.03
CA GLU D 150 6.00 19.45 13.15
C GLU D 150 5.30 19.98 14.41
#